data_9CLE
#
_entry.id   9CLE
#
_cell.length_a   78.431
_cell.length_b   89.818
_cell.length_c   99.660
_cell.angle_alpha   90.00
_cell.angle_beta   90.00
_cell.angle_gamma   90.00
#
_symmetry.space_group_name_H-M   'P 21 21 21'
#
loop_
_entity.id
_entity.type
_entity.pdbx_description
1 polymer 'Importin subunit alpha-1'
2 polymer 'Zero net-charge NLS'
3 non-polymer GLYCEROL
4 non-polymer 2,3-DIHYDROXY-1,4-DITHIOBUTANE
5 water water
#
loop_
_entity_poly.entity_id
_entity_poly.type
_entity_poly.pdbx_seq_one_letter_code
_entity_poly.pdbx_strand_id
1 'polypeptide(L)'
;MHHHHHHSSGLVPRGSGMKETAAAKFERQHMDSPDLGTDDDDKAMADIGSNQGTVNWSVEDIVKGINSNNLESQLQATQA
ARKLLSREKQPPIDNIIRAGLIPKFVSFLGKTDCSPIQFESAWALTNIASGTSEQTKAVVDGGAIPAFISLLASPHAHIS
EQAVWALGNIAGDGSAFRDLVIKHGAIDPLLALLAVPDLSTLACGYLRNLTWTLSNLCRNKNPAPPLDAVEQILPTLVRL
LHHNDPEVLADSCWAISYLTDGPNERIEMVVKKGVVPQLVKLLGATELPIVTPALRAIGNIVTGTDEQTQKVIDAGALAV
FPSLLTNPKTNIQKEATWTMSNITAGRQDQIQQVVNHGLVPFLVGVLSKADFKTQKEAAWAITNYTSGGTVEQIVYLVHC
GIIEPLMNLLSAKDTKIIQVILDAISNIFQAAEKLGETEKLSIMIEECGGLDKIEALQRHENESVYKASLNLIEKYFSVE
EEEDQNVVPETTSEGFAFQVQDGAPGTFNF
;
A
2 'polypeptide(L)' PVKKEKIEE B,C
#
# COMPACT_ATOMS: atom_id res chain seq x y z
N GLY A 53 -3.35 39.78 16.80
CA GLY A 53 -2.27 39.46 17.74
C GLY A 53 -2.45 38.12 18.46
N THR A 54 -2.94 37.07 17.75
CA THR A 54 -2.81 35.69 18.22
C THR A 54 -1.61 35.02 17.52
N VAL A 55 -0.62 35.82 17.07
CA VAL A 55 0.52 35.33 16.31
C VAL A 55 1.78 35.42 17.19
N ASN A 56 2.64 34.38 17.15
CA ASN A 56 3.91 34.35 17.83
C ASN A 56 3.77 34.51 19.35
N TRP A 57 2.80 33.85 19.98
CA TRP A 57 2.70 33.88 21.44
C TRP A 57 3.70 32.89 22.02
N SER A 58 4.10 33.15 23.26
CA SER A 58 4.85 32.20 24.06
C SER A 58 3.87 31.19 24.66
N VAL A 59 4.40 30.04 25.09
CA VAL A 59 3.61 29.01 25.71
C VAL A 59 3.10 29.54 27.05
N GLU A 60 3.94 30.33 27.71
CA GLU A 60 3.59 30.90 29.01
C GLU A 60 2.34 31.77 28.87
N ASP A 61 2.28 32.55 27.78
CA ASP A 61 1.15 33.43 27.51
C ASP A 61 -0.11 32.62 27.17
N ILE A 62 0.06 31.53 26.41
CA ILE A 62 -1.05 30.66 26.09
C ILE A 62 -1.64 30.09 27.37
N VAL A 63 -0.77 29.71 28.30
CA VAL A 63 -1.21 29.06 29.53
C VAL A 63 -2.00 30.06 30.38
N LYS A 64 -1.49 31.30 30.44
CA LYS A 64 -2.09 32.33 31.26
C LYS A 64 -3.51 32.62 30.74
N GLY A 65 -3.67 32.64 29.41
CA GLY A 65 -4.97 32.86 28.78
C GLY A 65 -5.95 31.72 29.04
N ILE A 66 -5.44 30.48 28.89
CA ILE A 66 -6.25 29.29 29.03
C ILE A 66 -6.65 29.09 30.48
N ASN A 67 -5.80 29.52 31.42
CA ASN A 67 -6.12 29.41 32.84
C ASN A 67 -6.94 30.60 33.33
N SER A 68 -7.14 31.63 32.49
CA SER A 68 -8.08 32.70 32.84
C SER A 68 -9.45 32.06 33.01
N ASN A 69 -10.37 32.70 33.70
CA ASN A 69 -11.71 32.13 33.71
C ASN A 69 -12.59 32.84 32.69
N ASN A 70 -11.99 33.32 31.60
CA ASN A 70 -12.66 34.15 30.62
C ASN A 70 -12.67 33.36 29.32
N LEU A 71 -13.87 32.97 28.86
CA LEU A 71 -14.00 32.12 27.68
C LEU A 71 -13.37 32.76 26.44
N GLU A 72 -13.48 34.08 26.30
CA GLU A 72 -12.91 34.81 25.18
CA GLU A 72 -12.90 34.80 25.18
C GLU A 72 -11.38 34.83 25.28
N SER A 73 -10.86 35.02 26.50
CA SER A 73 -9.42 34.98 26.70
C SER A 73 -8.90 33.58 26.39
N GLN A 74 -9.66 32.56 26.82
CA GLN A 74 -9.31 31.18 26.54
C GLN A 74 -9.32 30.87 25.04
N LEU A 75 -10.28 31.46 24.32
CA LEU A 75 -10.37 31.30 22.88
C LEU A 75 -9.18 31.94 22.16
N GLN A 76 -8.82 33.16 22.55
CA GLN A 76 -7.67 33.82 21.95
C GLN A 76 -6.40 32.99 22.16
N ALA A 77 -6.20 32.48 23.37
CA ALA A 77 -5.00 31.70 23.67
C ALA A 77 -5.02 30.36 22.93
N THR A 78 -6.19 29.75 22.76
CA THR A 78 -6.33 28.50 22.03
C THR A 78 -5.99 28.73 20.57
N GLN A 79 -6.42 29.87 20.01
CA GLN A 79 -6.04 30.19 18.65
C GLN A 79 -4.55 30.45 18.54
N ALA A 80 -3.97 31.12 19.53
CA ALA A 80 -2.53 31.33 19.52
C ALA A 80 -1.79 29.98 19.49
N ALA A 81 -2.25 29.00 20.27
CA ALA A 81 -1.67 27.66 20.29
C ALA A 81 -1.81 26.98 18.94
N ARG A 82 -3.00 27.07 18.36
CA ARG A 82 -3.23 26.53 17.03
C ARG A 82 -2.23 27.09 16.03
N LYS A 83 -1.99 28.42 16.07
CA LYS A 83 -1.09 29.06 15.12
C LYS A 83 0.35 28.59 15.37
N LEU A 84 0.75 28.46 16.64
CA LEU A 84 2.04 27.88 16.99
C LEU A 84 2.21 26.48 16.39
N LEU A 85 1.17 25.65 16.56
CA LEU A 85 1.24 24.26 16.16
C LEU A 85 1.07 24.12 14.65
N SER A 86 0.74 25.20 13.97
CA SER A 86 0.50 25.22 12.53
C SER A 86 1.70 25.79 11.77
N ARG A 87 2.77 26.17 12.49
CA ARG A 87 3.99 26.66 11.87
C ARG A 87 4.80 25.47 11.37
N GLU A 88 5.61 25.69 10.32
CA GLU A 88 6.26 24.59 9.62
C GLU A 88 7.58 24.21 10.29
N LYS A 89 8.17 25.15 11.04
CA LYS A 89 9.47 24.94 11.65
C LYS A 89 9.27 24.46 13.09
N GLN A 90 9.60 23.18 13.33
CA GLN A 90 9.60 22.61 14.68
C GLN A 90 8.44 23.16 15.48
N PRO A 91 7.18 22.80 15.16
CA PRO A 91 6.05 23.18 16.00
C PRO A 91 6.32 22.68 17.43
N PRO A 92 6.16 23.53 18.46
CA PRO A 92 6.50 23.15 19.84
C PRO A 92 5.48 22.21 20.48
N ILE A 93 5.30 21.01 19.94
CA ILE A 93 4.28 20.10 20.44
C ILE A 93 4.58 19.69 21.88
N ASP A 94 5.85 19.36 22.17
CA ASP A 94 6.20 18.83 23.50
C ASP A 94 6.05 19.89 24.58
N ASN A 95 6.35 21.17 24.25
CA ASN A 95 6.17 22.23 25.22
C ASN A 95 4.69 22.41 25.56
N ILE A 96 3.82 22.29 24.55
CA ILE A 96 2.39 22.39 24.75
C ILE A 96 1.92 21.24 25.64
N ILE A 97 2.41 20.03 25.35
CA ILE A 97 2.02 18.87 26.16
C ILE A 97 2.49 19.08 27.60
N ARG A 98 3.76 19.44 27.78
CA ARG A 98 4.33 19.62 29.13
C ARG A 98 3.59 20.71 29.91
N ALA A 99 3.06 21.75 29.24
CA ALA A 99 2.29 22.79 29.91
C ALA A 99 0.96 22.29 30.47
N GLY A 100 0.54 21.06 30.14
CA GLY A 100 -0.71 20.52 30.64
C GLY A 100 -1.95 20.99 29.85
N LEU A 101 -1.77 21.42 28.58
CA LEU A 101 -2.85 22.03 27.80
C LEU A 101 -3.84 21.04 27.17
N ILE A 102 -3.49 19.74 27.03
CA ILE A 102 -4.33 18.82 26.28
C ILE A 102 -5.68 18.66 26.96
N PRO A 103 -5.74 18.43 28.29
CA PRO A 103 -7.03 18.32 28.99
C PRO A 103 -7.95 19.53 28.79
N LYS A 104 -7.37 20.74 28.72
CA LYS A 104 -8.13 21.97 28.55
C LYS A 104 -8.71 22.02 27.13
N PHE A 105 -7.87 21.73 26.13
CA PHE A 105 -8.30 21.67 24.73
C PHE A 105 -9.42 20.66 24.56
N VAL A 106 -9.27 19.47 25.15
CA VAL A 106 -10.31 18.45 25.06
C VAL A 106 -11.62 18.95 25.67
N SER A 107 -11.58 19.62 26.83
CA SER A 107 -12.78 20.15 27.45
C SER A 107 -13.43 21.21 26.55
N PHE A 108 -12.61 22.02 25.85
CA PHE A 108 -13.13 23.01 24.92
C PHE A 108 -13.87 22.36 23.74
N LEU A 109 -13.54 21.11 23.38
CA LEU A 109 -14.21 20.40 22.31
C LEU A 109 -15.70 20.28 22.61
N GLY A 110 -16.06 20.26 23.91
CA GLY A 110 -17.43 20.06 24.36
C GLY A 110 -18.20 21.36 24.58
N LYS A 111 -17.65 22.53 24.22
CA LYS A 111 -18.35 23.80 24.38
C LYS A 111 -19.19 24.13 23.14
N THR A 112 -20.36 23.49 23.04
CA THR A 112 -21.31 23.69 21.94
C THR A 112 -21.73 25.15 21.77
N ASP A 113 -21.71 25.89 22.88
CA ASP A 113 -22.04 27.30 22.96
C ASP A 113 -20.96 28.17 22.32
N CYS A 114 -19.70 27.70 22.28
CA CYS A 114 -18.63 28.45 21.66
C CYS A 114 -17.97 27.62 20.54
N SER A 115 -18.59 27.65 19.36
CA SER A 115 -18.14 26.89 18.20
C SER A 115 -16.69 27.23 17.83
N PRO A 116 -16.26 28.50 17.89
CA PRO A 116 -14.87 28.81 17.52
C PRO A 116 -13.81 28.17 18.42
N ILE A 117 -14.08 28.01 19.73
CA ILE A 117 -13.09 27.39 20.59
C ILE A 117 -13.05 25.88 20.32
N GLN A 118 -14.19 25.27 19.98
CA GLN A 118 -14.25 23.90 19.50
C GLN A 118 -13.34 23.70 18.30
N PHE A 119 -13.43 24.60 17.32
CA PHE A 119 -12.63 24.52 16.11
C PHE A 119 -11.15 24.66 16.40
N GLU A 120 -10.79 25.71 17.16
CA GLU A 120 -9.40 26.01 17.43
C GLU A 120 -8.77 24.90 18.26
N SER A 121 -9.51 24.37 19.25
CA SER A 121 -9.02 23.28 20.07
C SER A 121 -8.90 22.01 19.22
N ALA A 122 -9.86 21.78 18.31
CA ALA A 122 -9.83 20.62 17.42
C ALA A 122 -8.59 20.63 16.52
N TRP A 123 -8.28 21.79 15.93
CA TRP A 123 -7.13 21.94 15.08
C TRP A 123 -5.81 21.80 15.86
N ALA A 124 -5.76 22.42 17.05
CA ALA A 124 -4.60 22.27 17.90
C ALA A 124 -4.36 20.79 18.21
N LEU A 125 -5.44 20.08 18.58
CA LEU A 125 -5.29 18.68 18.98
C LEU A 125 -4.95 17.82 17.77
N THR A 126 -5.43 18.20 16.59
CA THR A 126 -5.12 17.50 15.35
C THR A 126 -3.62 17.51 15.11
N ASN A 127 -2.98 18.66 15.35
CA ASN A 127 -1.57 18.83 15.00
C ASN A 127 -0.68 18.13 16.01
N ILE A 128 -1.09 18.12 17.29
CA ILE A 128 -0.42 17.30 18.29
C ILE A 128 -0.54 15.82 17.91
N ALA A 129 -1.75 15.35 17.52
CA ALA A 129 -1.99 13.96 17.18
C ALA A 129 -1.26 13.57 15.89
N SER A 130 -0.81 14.56 15.11
CA SER A 130 -0.09 14.35 13.86
C SER A 130 1.36 13.93 14.11
N GLY A 131 1.85 14.06 15.35
CA GLY A 131 3.28 13.88 15.62
C GLY A 131 3.70 12.42 15.88
N THR A 132 4.56 12.24 16.88
CA THR A 132 4.99 10.91 17.31
C THR A 132 3.86 10.13 17.96
N SER A 133 4.06 8.81 18.10
CA SER A 133 3.15 7.96 18.85
C SER A 133 2.94 8.50 20.26
N GLU A 134 4.01 8.99 20.87
CA GLU A 134 3.91 9.52 22.23
C GLU A 134 3.00 10.75 22.25
N GLN A 135 3.14 11.62 21.24
CA GLN A 135 2.35 12.81 21.11
C GLN A 135 0.89 12.44 20.81
N THR A 136 0.66 11.46 19.92
CA THR A 136 -0.68 10.97 19.66
C THR A 136 -1.31 10.38 20.94
N LYS A 137 -0.50 9.65 21.74
CA LYS A 137 -0.97 9.02 22.95
C LYS A 137 -1.46 10.07 23.93
N ALA A 138 -0.73 11.17 24.01
CA ALA A 138 -1.12 12.25 24.92
C ALA A 138 -2.53 12.77 24.61
N VAL A 139 -2.90 12.85 23.32
CA VAL A 139 -4.20 13.33 22.90
C VAL A 139 -5.24 12.30 23.31
N VAL A 140 -4.94 11.02 23.05
CA VAL A 140 -5.85 9.96 23.43
C VAL A 140 -6.03 9.92 24.95
N ASP A 141 -4.94 10.05 25.69
CA ASP A 141 -4.97 9.96 27.14
C ASP A 141 -5.76 11.10 27.76
N GLY A 142 -5.88 12.24 27.04
CA GLY A 142 -6.74 13.36 27.42
C GLY A 142 -8.25 13.16 27.22
N GLY A 143 -8.67 12.04 26.64
CA GLY A 143 -10.09 11.76 26.42
C GLY A 143 -10.61 12.30 25.08
N ALA A 144 -9.69 12.58 24.15
CA ALA A 144 -10.06 13.21 22.89
C ALA A 144 -10.95 12.32 22.02
N ILE A 145 -10.81 10.99 22.07
CA ILE A 145 -11.50 10.17 21.08
C ILE A 145 -13.01 10.35 21.16
N PRO A 146 -13.65 10.13 22.32
CA PRO A 146 -15.10 10.28 22.46
C PRO A 146 -15.54 11.71 22.17
N ALA A 147 -14.72 12.70 22.51
CA ALA A 147 -15.04 14.11 22.27
C ALA A 147 -15.02 14.46 20.78
N PHE A 148 -14.06 13.89 20.03
CA PHE A 148 -14.05 14.06 18.57
C PHE A 148 -15.21 13.33 17.88
N ILE A 149 -15.56 12.15 18.37
CA ILE A 149 -16.67 11.42 17.78
C ILE A 149 -17.96 12.21 18.00
N SER A 150 -18.14 12.85 19.18
CA SER A 150 -19.30 13.72 19.41
C SER A 150 -19.31 14.87 18.41
N LEU A 151 -18.14 15.44 18.10
CA LEU A 151 -18.04 16.59 17.22
C LEU A 151 -18.33 16.24 15.77
N LEU A 152 -18.32 14.96 15.39
CA LEU A 152 -18.69 14.58 14.04
C LEU A 152 -20.12 15.00 13.69
N ALA A 153 -20.96 15.20 14.71
CA ALA A 153 -22.36 15.60 14.55
C ALA A 153 -22.55 17.12 14.53
N SER A 154 -21.48 17.90 14.67
CA SER A 154 -21.57 19.34 14.65
C SER A 154 -22.32 19.84 13.42
N PRO A 155 -23.20 20.85 13.61
CA PRO A 155 -23.84 21.51 12.47
C PRO A 155 -22.83 22.28 11.64
N HIS A 156 -21.66 22.60 12.21
CA HIS A 156 -20.65 23.38 11.50
C HIS A 156 -19.71 22.40 10.81
N ALA A 157 -19.61 22.51 9.48
CA ALA A 157 -18.93 21.50 8.69
C ALA A 157 -17.44 21.58 8.97
N HIS A 158 -16.94 22.79 9.24
CA HIS A 158 -15.52 23.00 9.44
C HIS A 158 -15.08 22.28 10.73
N ILE A 159 -15.99 22.14 11.69
CA ILE A 159 -15.71 21.48 12.95
C ILE A 159 -15.80 19.97 12.78
N SER A 160 -16.83 19.50 12.07
N SER A 160 -16.82 19.49 12.06
CA SER A 160 -16.99 18.08 11.77
CA SER A 160 -16.96 18.07 11.81
C SER A 160 -15.75 17.59 11.04
C SER A 160 -15.74 17.58 11.04
N GLU A 161 -15.30 18.36 10.03
CA GLU A 161 -14.15 18.00 9.22
C GLU A 161 -12.89 17.88 10.09
N GLN A 162 -12.71 18.83 11.01
CA GLN A 162 -11.55 18.82 11.87
C GLN A 162 -11.56 17.57 12.76
N ALA A 163 -12.73 17.18 13.27
CA ALA A 163 -12.85 15.99 14.07
C ALA A 163 -12.53 14.76 13.23
N VAL A 164 -12.96 14.75 11.96
CA VAL A 164 -12.63 13.66 11.04
C VAL A 164 -11.11 13.51 10.92
N TRP A 165 -10.43 14.65 10.76
CA TRP A 165 -9.01 14.70 10.52
C TRP A 165 -8.28 14.18 11.76
N ALA A 166 -8.71 14.65 12.92
CA ALA A 166 -8.06 14.28 14.17
C ALA A 166 -8.17 12.77 14.40
N LEU A 167 -9.35 12.21 14.14
CA LEU A 167 -9.55 10.77 14.31
C LEU A 167 -8.69 9.99 13.32
N GLY A 168 -8.48 10.51 12.10
CA GLY A 168 -7.54 9.93 11.14
C GLY A 168 -6.10 9.88 11.63
N ASN A 169 -5.65 10.95 12.28
CA ASN A 169 -4.33 10.97 12.88
C ASN A 169 -4.20 9.94 13.99
N ILE A 170 -5.25 9.81 14.81
CA ILE A 170 -5.24 8.88 15.91
C ILE A 170 -5.29 7.43 15.39
N ALA A 171 -6.23 7.11 14.52
CA ALA A 171 -6.29 5.77 13.95
C ALA A 171 -5.01 5.44 13.17
N GLY A 172 -4.40 6.46 12.56
CA GLY A 172 -3.20 6.29 11.75
C GLY A 172 -1.95 5.91 12.55
N ASP A 173 -1.99 6.04 13.89
CA ASP A 173 -0.82 5.74 14.69
C ASP A 173 -0.52 4.25 14.59
N GLY A 174 -1.55 3.42 14.46
CA GLY A 174 -1.34 2.00 14.60
C GLY A 174 -2.61 1.24 14.95
N SER A 175 -2.48 -0.10 15.03
CA SER A 175 -3.61 -1.02 15.20
CA SER A 175 -3.63 -0.98 15.16
C SER A 175 -4.41 -0.71 16.46
N ALA A 176 -3.71 -0.41 17.55
CA ALA A 176 -4.35 -0.32 18.84
C ALA A 176 -5.24 0.94 18.88
N PHE A 177 -4.72 2.09 18.45
CA PHE A 177 -5.53 3.30 18.46
C PHE A 177 -6.64 3.23 17.40
N ARG A 178 -6.36 2.58 16.27
CA ARG A 178 -7.36 2.37 15.23
C ARG A 178 -8.55 1.64 15.84
N ASP A 179 -8.25 0.52 16.50
CA ASP A 179 -9.26 -0.33 17.14
C ASP A 179 -9.96 0.40 18.27
N LEU A 180 -9.24 1.26 19.01
CA LEU A 180 -9.88 2.05 20.07
C LEU A 180 -10.83 3.07 19.48
N VAL A 181 -10.46 3.70 18.37
CA VAL A 181 -11.35 4.61 17.68
C VAL A 181 -12.63 3.87 17.26
N ILE A 182 -12.49 2.64 16.73
CA ILE A 182 -13.62 1.83 16.31
C ILE A 182 -14.51 1.43 17.50
N LYS A 183 -13.90 1.06 18.64
CA LYS A 183 -14.65 0.66 19.83
C LYS A 183 -15.47 1.83 20.41
N HIS A 184 -14.97 3.06 20.30
CA HIS A 184 -15.69 4.23 20.75
C HIS A 184 -16.81 4.62 19.78
N GLY A 185 -16.94 3.93 18.64
CA GLY A 185 -18.11 4.01 17.78
C GLY A 185 -17.97 5.08 16.70
N ALA A 186 -16.76 5.21 16.11
CA ALA A 186 -16.54 6.26 15.12
C ALA A 186 -17.14 5.93 13.76
N ILE A 187 -17.29 4.65 13.43
CA ILE A 187 -17.58 4.29 12.05
C ILE A 187 -18.96 4.77 11.63
N ASP A 188 -19.99 4.53 12.46
CA ASP A 188 -21.36 4.90 12.11
C ASP A 188 -21.44 6.39 11.81
N PRO A 189 -20.98 7.27 12.73
CA PRO A 189 -21.06 8.71 12.46
C PRO A 189 -20.24 9.13 11.24
N LEU A 190 -19.09 8.49 11.01
CA LEU A 190 -18.28 8.82 9.84
C LEU A 190 -19.01 8.50 8.54
N LEU A 191 -19.58 7.30 8.47
CA LEU A 191 -20.26 6.88 7.26
C LEU A 191 -21.53 7.70 7.02
N ALA A 192 -22.16 8.18 8.09
CA ALA A 192 -23.38 8.96 8.00
C ALA A 192 -23.07 10.25 7.26
N LEU A 193 -21.83 10.75 7.40
CA LEU A 193 -21.45 11.99 6.75
C LEU A 193 -21.39 11.82 5.24
N LEU A 194 -21.27 10.57 4.76
CA LEU A 194 -21.19 10.26 3.34
C LEU A 194 -22.51 9.70 2.82
N ALA A 195 -23.57 9.73 3.63
CA ALA A 195 -24.86 9.21 3.19
C ALA A 195 -25.63 10.30 2.46
N VAL A 196 -25.17 10.61 1.26
CA VAL A 196 -25.79 11.56 0.38
C VAL A 196 -26.05 10.84 -0.95
N PRO A 197 -27.07 11.29 -1.71
CA PRO A 197 -27.35 10.71 -3.03
C PRO A 197 -26.18 10.83 -3.99
N ASP A 198 -25.46 11.95 -3.94
CA ASP A 198 -24.35 12.21 -4.85
C ASP A 198 -23.22 12.90 -4.07
N LEU A 199 -22.09 12.19 -3.97
CA LEU A 199 -20.91 12.65 -3.26
C LEU A 199 -20.43 13.99 -3.81
N SER A 200 -20.76 14.30 -5.07
CA SER A 200 -20.27 15.52 -5.69
C SER A 200 -20.87 16.77 -5.04
N THR A 201 -21.96 16.65 -4.27
CA THR A 201 -22.48 17.82 -3.58
C THR A 201 -21.63 18.18 -2.35
N LEU A 202 -20.78 17.25 -1.87
CA LEU A 202 -19.96 17.52 -0.70
C LEU A 202 -18.76 18.35 -1.14
N ALA A 203 -18.29 19.22 -0.25
CA ALA A 203 -17.06 19.96 -0.48
C ALA A 203 -15.87 19.01 -0.67
N CYS A 204 -15.02 19.39 -1.59
CA CYS A 204 -13.91 18.60 -2.08
C CYS A 204 -13.02 18.22 -0.90
N GLY A 205 -12.65 19.23 -0.11
CA GLY A 205 -11.74 19.06 1.01
C GLY A 205 -12.31 18.11 2.06
N TYR A 206 -13.60 18.28 2.34
CA TYR A 206 -14.31 17.46 3.31
C TYR A 206 -14.30 16.00 2.88
N LEU A 207 -14.61 15.74 1.59
CA LEU A 207 -14.72 14.38 1.08
C LEU A 207 -13.36 13.73 1.10
N ARG A 208 -12.32 14.47 0.71
CA ARG A 208 -10.97 13.96 0.77
C ARG A 208 -10.50 13.60 2.19
N ASN A 209 -10.83 14.44 3.18
CA ASN A 209 -10.48 14.14 4.55
C ASN A 209 -11.23 12.90 5.03
N LEU A 210 -12.51 12.78 4.71
CA LEU A 210 -13.26 11.61 5.15
C LEU A 210 -12.67 10.36 4.55
N THR A 211 -12.33 10.40 3.26
CA THR A 211 -11.77 9.24 2.58
C THR A 211 -10.45 8.86 3.24
N TRP A 212 -9.60 9.85 3.52
CA TRP A 212 -8.31 9.58 4.14
C TRP A 212 -8.48 8.94 5.53
N THR A 213 -9.41 9.47 6.34
CA THR A 213 -9.68 8.91 7.66
C THR A 213 -10.17 7.47 7.54
N LEU A 214 -11.13 7.21 6.63
CA LEU A 214 -11.62 5.84 6.44
C LEU A 214 -10.50 4.90 6.01
N SER A 215 -9.57 5.39 5.17
CA SER A 215 -8.47 4.57 4.75
C SER A 215 -7.59 4.21 5.95
N ASN A 216 -7.40 5.13 6.91
CA ASN A 216 -6.61 4.81 8.08
C ASN A 216 -7.32 3.82 9.01
N LEU A 217 -8.66 3.74 8.97
CA LEU A 217 -9.37 2.73 9.74
C LEU A 217 -9.24 1.35 9.09
N CYS A 218 -8.83 1.33 7.82
CA CYS A 218 -8.61 0.09 7.10
C CYS A 218 -7.17 -0.41 7.21
N ARG A 219 -6.30 0.45 7.76
CA ARG A 219 -4.87 0.26 7.68
C ARG A 219 -4.33 -0.49 8.89
N ASN A 220 -3.17 -1.16 8.67
CA ASN A 220 -2.27 -1.78 9.63
C ASN A 220 -2.69 -3.22 9.85
N LYS A 221 -1.74 -4.01 10.37
CA LYS A 221 -1.92 -5.45 10.54
C LYS A 221 -1.39 -5.83 11.91
N ASN A 222 -1.55 -7.09 12.28
CA ASN A 222 -1.03 -7.51 13.56
C ASN A 222 -1.66 -6.69 14.69
N PRO A 223 -3.00 -6.69 14.81
CA PRO A 223 -3.88 -7.38 13.87
C PRO A 223 -4.47 -6.43 12.83
N ALA A 224 -5.10 -7.06 11.86
CA ALA A 224 -5.86 -6.35 10.86
C ALA A 224 -7.15 -5.84 11.50
N PRO A 225 -7.86 -4.89 10.88
CA PRO A 225 -9.05 -4.30 11.47
C PRO A 225 -10.08 -5.39 11.73
N PRO A 226 -11.04 -5.18 12.65
CA PRO A 226 -12.09 -6.16 12.89
C PRO A 226 -12.94 -6.44 11.65
N LEU A 227 -13.25 -7.71 11.41
CA LEU A 227 -13.96 -8.11 10.22
C LEU A 227 -15.26 -7.34 10.08
N ASP A 228 -16.01 -7.20 11.17
CA ASP A 228 -17.29 -6.52 11.11
C ASP A 228 -17.14 -5.03 10.78
N ALA A 229 -16.03 -4.38 11.19
CA ALA A 229 -15.77 -2.99 10.84
C ALA A 229 -15.43 -2.86 9.34
N VAL A 230 -14.67 -3.81 8.81
CA VAL A 230 -14.37 -3.86 7.40
C VAL A 230 -15.65 -4.07 6.58
N GLU A 231 -16.54 -4.95 7.02
CA GLU A 231 -17.80 -5.15 6.31
C GLU A 231 -18.64 -3.89 6.33
N GLN A 232 -18.59 -3.14 7.43
CA GLN A 232 -19.38 -1.92 7.56
C GLN A 232 -18.87 -0.84 6.59
N ILE A 233 -17.54 -0.74 6.41
CA ILE A 233 -16.91 0.31 5.63
C ILE A 233 -16.91 0.03 4.13
N LEU A 234 -16.77 -1.22 3.72
CA LEU A 234 -16.50 -1.60 2.33
C LEU A 234 -17.52 -1.02 1.34
N PRO A 235 -18.85 -1.05 1.60
CA PRO A 235 -19.83 -0.47 0.67
C PRO A 235 -19.59 1.00 0.37
N THR A 236 -19.09 1.76 1.36
CA THR A 236 -18.81 3.17 1.17
C THR A 236 -17.53 3.32 0.37
N LEU A 237 -16.55 2.45 0.64
CA LEU A 237 -15.30 2.48 -0.10
C LEU A 237 -15.56 2.20 -1.58
N VAL A 238 -16.45 1.22 -1.85
CA VAL A 238 -16.74 0.84 -3.21
C VAL A 238 -17.26 2.09 -3.93
N ARG A 239 -18.12 2.87 -3.26
CA ARG A 239 -18.72 4.08 -3.80
CA ARG A 239 -18.72 4.08 -3.80
C ARG A 239 -17.63 5.14 -4.06
N LEU A 240 -16.70 5.28 -3.13
CA LEU A 240 -15.65 6.27 -3.29
C LEU A 240 -14.66 5.87 -4.39
N LEU A 241 -14.52 4.56 -4.68
CA LEU A 241 -13.67 4.11 -5.78
C LEU A 241 -14.24 4.54 -7.13
N HIS A 242 -15.52 4.95 -7.16
CA HIS A 242 -16.14 5.42 -8.39
C HIS A 242 -16.27 6.94 -8.44
N HIS A 243 -15.79 7.65 -7.41
CA HIS A 243 -15.82 9.10 -7.41
C HIS A 243 -14.74 9.63 -8.36
N ASN A 244 -14.87 10.88 -8.82
CA ASN A 244 -14.06 11.36 -9.93
C ASN A 244 -12.90 12.23 -9.44
N ASP A 245 -12.72 12.40 -8.13
CA ASP A 245 -11.60 13.18 -7.62
C ASP A 245 -10.36 12.28 -7.53
N PRO A 246 -9.22 12.69 -8.10
CA PRO A 246 -8.00 11.88 -8.03
C PRO A 246 -7.52 11.54 -6.62
N GLU A 247 -7.67 12.45 -5.66
CA GLU A 247 -7.22 12.20 -4.30
C GLU A 247 -8.15 11.23 -3.56
N VAL A 248 -9.46 11.35 -3.73
CA VAL A 248 -10.39 10.38 -3.19
C VAL A 248 -10.08 8.99 -3.76
N LEU A 249 -9.84 8.91 -5.08
CA LEU A 249 -9.55 7.64 -5.73
C LEU A 249 -8.25 7.02 -5.19
N ALA A 250 -7.24 7.86 -4.99
CA ALA A 250 -5.96 7.36 -4.49
C ALA A 250 -6.11 6.79 -3.08
N ASP A 251 -6.82 7.53 -2.21
CA ASP A 251 -6.99 7.10 -0.84
C ASP A 251 -7.92 5.88 -0.75
N SER A 252 -8.93 5.79 -1.62
CA SER A 252 -9.82 4.64 -1.72
C SER A 252 -9.04 3.39 -2.15
N CYS A 253 -8.17 3.54 -3.18
CA CYS A 253 -7.28 2.47 -3.60
C CYS A 253 -6.34 2.06 -2.48
N TRP A 254 -5.77 3.02 -1.74
CA TRP A 254 -4.89 2.67 -0.63
C TRP A 254 -5.65 1.82 0.39
N ALA A 255 -6.91 2.20 0.72
CA ALA A 255 -7.72 1.43 1.64
C ALA A 255 -7.90 -0.02 1.18
N ILE A 256 -8.17 -0.22 -0.12
CA ILE A 256 -8.38 -1.56 -0.67
C ILE A 256 -7.07 -2.32 -0.64
N SER A 257 -5.97 -1.61 -0.87
CA SER A 257 -4.66 -2.23 -0.80
C SER A 257 -4.42 -2.79 0.60
N TYR A 258 -4.79 -2.03 1.63
CA TYR A 258 -4.61 -2.48 3.00
C TYR A 258 -5.51 -3.71 3.27
N LEU A 259 -6.76 -3.65 2.82
CA LEU A 259 -7.71 -4.71 3.13
C LEU A 259 -7.38 -6.01 2.37
N THR A 260 -6.62 -5.90 1.26
CA THR A 260 -6.20 -7.05 0.48
C THR A 260 -4.85 -7.61 0.91
N ASP A 261 -4.15 -6.87 1.79
CA ASP A 261 -2.86 -7.30 2.31
C ASP A 261 -3.09 -8.20 3.52
N GLY A 262 -3.39 -9.47 3.24
CA GLY A 262 -3.62 -10.42 4.29
C GLY A 262 -4.01 -11.79 3.74
N PRO A 263 -4.62 -12.65 4.60
CA PRO A 263 -5.07 -13.98 4.19
C PRO A 263 -6.16 -13.93 3.11
N ASN A 264 -6.38 -15.07 2.45
CA ASN A 264 -7.31 -15.19 1.34
C ASN A 264 -8.73 -14.75 1.72
N GLU A 265 -9.09 -14.91 3.00
CA GLU A 265 -10.42 -14.59 3.47
C GLU A 265 -10.61 -13.07 3.46
N ARG A 266 -9.56 -12.32 3.78
CA ARG A 266 -9.63 -10.86 3.73
C ARG A 266 -9.75 -10.38 2.28
N ILE A 267 -8.95 -11.01 1.39
CA ILE A 267 -9.03 -10.74 -0.05
C ILE A 267 -10.43 -11.01 -0.56
N GLU A 268 -11.05 -12.12 -0.09
CA GLU A 268 -12.36 -12.52 -0.60
C GLU A 268 -13.42 -11.48 -0.30
N MET A 269 -13.39 -10.92 0.90
CA MET A 269 -14.32 -9.88 1.29
C MET A 269 -14.33 -8.74 0.27
N VAL A 270 -13.13 -8.35 -0.20
CA VAL A 270 -13.01 -7.27 -1.17
C VAL A 270 -13.46 -7.76 -2.55
N VAL A 271 -12.91 -8.89 -2.98
CA VAL A 271 -13.21 -9.39 -4.33
C VAL A 271 -14.71 -9.63 -4.51
N LYS A 272 -15.42 -10.07 -3.44
CA LYS A 272 -16.85 -10.38 -3.58
C LYS A 272 -17.68 -9.10 -3.69
N LYS A 273 -17.09 -7.92 -3.44
CA LYS A 273 -17.83 -6.66 -3.58
C LYS A 273 -17.83 -6.17 -5.03
N GLY A 274 -17.06 -6.86 -5.90
CA GLY A 274 -17.07 -6.64 -7.33
C GLY A 274 -16.17 -5.49 -7.80
N VAL A 275 -15.17 -5.11 -6.99
CA VAL A 275 -14.33 -3.95 -7.22
C VAL A 275 -13.18 -4.21 -8.20
N VAL A 276 -12.84 -5.47 -8.49
CA VAL A 276 -11.67 -5.78 -9.30
C VAL A 276 -11.69 -5.07 -10.66
N PRO A 277 -12.80 -5.09 -11.43
CA PRO A 277 -12.91 -4.29 -12.65
C PRO A 277 -12.60 -2.81 -12.48
N GLN A 278 -13.07 -2.17 -11.40
CA GLN A 278 -12.78 -0.77 -11.17
C GLN A 278 -11.30 -0.57 -10.84
N LEU A 279 -10.70 -1.51 -10.08
CA LEU A 279 -9.28 -1.44 -9.78
C LEU A 279 -8.42 -1.51 -11.04
N VAL A 280 -8.81 -2.38 -11.99
CA VAL A 280 -8.11 -2.52 -13.26
C VAL A 280 -8.25 -1.24 -14.07
N LYS A 281 -9.41 -0.60 -14.01
CA LYS A 281 -9.58 0.68 -14.68
C LYS A 281 -8.60 1.69 -14.08
N LEU A 282 -8.50 1.72 -12.75
CA LEU A 282 -7.65 2.71 -12.08
C LEU A 282 -6.17 2.39 -12.34
N LEU A 283 -5.86 1.12 -12.66
CA LEU A 283 -4.51 0.68 -13.01
C LEU A 283 -4.06 1.35 -14.30
N GLY A 284 -5.04 1.72 -15.14
CA GLY A 284 -4.78 2.41 -16.39
C GLY A 284 -4.83 3.94 -16.29
N ALA A 285 -4.97 4.51 -15.10
CA ALA A 285 -5.01 5.96 -14.93
C ALA A 285 -3.68 6.63 -15.23
N THR A 286 -3.72 7.94 -15.47
CA THR A 286 -2.54 8.72 -15.83
CA THR A 286 -2.52 8.71 -15.84
C THR A 286 -1.80 9.14 -14.56
N GLU A 287 -2.56 9.29 -13.46
CA GLU A 287 -2.00 9.80 -12.23
C GLU A 287 -1.30 8.66 -11.49
N LEU A 288 0.00 8.84 -11.25
CA LEU A 288 0.80 7.86 -10.55
C LEU A 288 0.23 7.63 -9.15
N PRO A 289 -0.24 8.67 -8.43
CA PRO A 289 -0.79 8.48 -7.09
C PRO A 289 -2.00 7.56 -7.07
N ILE A 290 -2.60 7.33 -8.23
CA ILE A 290 -3.71 6.38 -8.30
C ILE A 290 -3.17 5.01 -8.68
N VAL A 291 -2.25 4.97 -9.64
CA VAL A 291 -1.78 3.71 -10.19
C VAL A 291 -1.03 2.95 -9.09
N THR A 292 -0.24 3.67 -8.28
CA THR A 292 0.58 3.01 -7.28
C THR A 292 -0.30 2.16 -6.36
N PRO A 293 -1.33 2.72 -5.69
CA PRO A 293 -2.19 1.94 -4.81
C PRO A 293 -3.07 0.92 -5.54
N ALA A 294 -3.54 1.24 -6.75
CA ALA A 294 -4.30 0.27 -7.53
C ALA A 294 -3.49 -0.99 -7.84
N LEU A 295 -2.22 -0.83 -8.22
CA LEU A 295 -1.36 -1.95 -8.55
C LEU A 295 -1.03 -2.75 -7.29
N ARG A 296 -0.75 -2.08 -6.17
CA ARG A 296 -0.54 -2.78 -4.91
C ARG A 296 -1.76 -3.65 -4.58
N ALA A 297 -2.97 -3.12 -4.77
CA ALA A 297 -4.17 -3.87 -4.46
C ALA A 297 -4.28 -5.08 -5.39
N ILE A 298 -4.07 -4.86 -6.69
CA ILE A 298 -4.11 -5.95 -7.65
C ILE A 298 -3.07 -7.03 -7.30
N GLY A 299 -1.86 -6.59 -6.94
CA GLY A 299 -0.78 -7.48 -6.55
C GLY A 299 -1.14 -8.30 -5.31
N ASN A 300 -1.82 -7.66 -4.33
CA ASN A 300 -2.25 -8.32 -3.11
C ASN A 300 -3.25 -9.42 -3.46
N ILE A 301 -4.23 -9.10 -4.32
CA ILE A 301 -5.26 -10.04 -4.70
C ILE A 301 -4.68 -11.30 -5.36
N VAL A 302 -3.64 -11.17 -6.19
CA VAL A 302 -3.11 -12.32 -6.93
C VAL A 302 -2.20 -13.14 -6.04
N THR A 303 -1.97 -12.71 -4.78
CA THR A 303 -1.30 -13.57 -3.81
C THR A 303 -2.30 -14.54 -3.19
N GLY A 304 -3.58 -14.42 -3.53
CA GLY A 304 -4.62 -15.28 -3.00
C GLY A 304 -4.76 -16.57 -3.80
N THR A 305 -6.02 -17.01 -3.97
CA THR A 305 -6.33 -18.25 -4.67
C THR A 305 -6.18 -18.00 -6.17
N ASP A 306 -6.12 -19.10 -6.93
CA ASP A 306 -6.10 -19.09 -8.38
C ASP A 306 -7.41 -18.52 -8.91
N GLU A 307 -8.51 -18.75 -8.17
CA GLU A 307 -9.83 -18.25 -8.54
C GLU A 307 -9.89 -16.73 -8.32
N GLN A 308 -9.21 -16.24 -7.28
CA GLN A 308 -9.14 -14.80 -7.06
C GLN A 308 -8.26 -14.15 -8.12
N THR A 309 -7.16 -14.81 -8.49
CA THR A 309 -6.27 -14.36 -9.53
C THR A 309 -7.03 -14.26 -10.85
N GLN A 310 -7.94 -15.21 -11.11
CA GLN A 310 -8.66 -15.25 -12.37
C GLN A 310 -9.55 -14.04 -12.55
N LYS A 311 -10.08 -13.51 -11.44
CA LYS A 311 -10.95 -12.33 -11.49
C LYS A 311 -10.17 -11.12 -12.02
N VAL A 312 -8.89 -11.02 -11.62
CA VAL A 312 -8.00 -9.97 -12.08
C VAL A 312 -7.77 -10.13 -13.58
N ILE A 313 -7.52 -11.36 -14.03
CA ILE A 313 -7.29 -11.67 -15.43
C ILE A 313 -8.55 -11.41 -16.23
N ASP A 314 -9.70 -11.90 -15.73
CA ASP A 314 -10.98 -11.71 -16.43
C ASP A 314 -11.32 -10.23 -16.54
N ALA A 315 -10.89 -9.40 -15.57
CA ALA A 315 -11.19 -7.98 -15.57
C ALA A 315 -10.33 -7.20 -16.57
N GLY A 316 -9.31 -7.85 -17.17
CA GLY A 316 -8.56 -7.24 -18.28
C GLY A 316 -7.21 -6.69 -17.84
N ALA A 317 -6.69 -7.16 -16.71
CA ALA A 317 -5.53 -6.51 -16.11
C ALA A 317 -4.29 -6.68 -16.98
N LEU A 318 -4.15 -7.87 -17.59
CA LEU A 318 -2.91 -8.18 -18.25
C LEU A 318 -2.65 -7.23 -19.42
N ALA A 319 -3.68 -6.59 -19.96
CA ALA A 319 -3.53 -5.65 -21.07
C ALA A 319 -2.83 -4.34 -20.68
N VAL A 320 -2.72 -4.05 -19.38
CA VAL A 320 -2.04 -2.85 -18.89
C VAL A 320 -0.57 -3.13 -18.59
N PHE A 321 -0.18 -4.40 -18.54
CA PHE A 321 1.15 -4.75 -18.08
C PHE A 321 2.24 -4.36 -19.08
N PRO A 322 2.02 -4.26 -20.40
CA PRO A 322 3.08 -3.74 -21.29
C PRO A 322 3.57 -2.39 -20.80
N SER A 323 2.64 -1.50 -20.42
CA SER A 323 2.99 -0.19 -19.88
C SER A 323 3.64 -0.28 -18.51
N LEU A 324 3.03 -1.07 -17.62
CA LEU A 324 3.51 -1.19 -16.25
C LEU A 324 4.93 -1.75 -16.19
N LEU A 325 5.23 -2.74 -17.04
CA LEU A 325 6.53 -3.40 -17.01
C LEU A 325 7.61 -2.59 -17.72
N THR A 326 7.22 -1.46 -18.36
CA THR A 326 8.12 -0.50 -18.98
C THR A 326 7.98 0.89 -18.35
N ASN A 327 7.29 0.97 -17.21
CA ASN A 327 6.97 2.25 -16.61
C ASN A 327 8.25 2.93 -16.15
N PRO A 328 8.36 4.25 -16.33
CA PRO A 328 9.54 4.98 -15.91
C PRO A 328 9.78 4.99 -14.39
N LYS A 329 8.72 4.88 -13.57
CA LYS A 329 8.89 4.80 -12.12
C LYS A 329 9.30 3.39 -11.75
N THR A 330 10.46 3.24 -11.09
CA THR A 330 11.05 1.95 -10.77
CA THR A 330 11.02 1.92 -10.81
C THR A 330 10.09 1.11 -9.89
N ASN A 331 9.44 1.77 -8.92
CA ASN A 331 8.51 1.14 -7.99
CA ASN A 331 8.54 1.10 -8.00
C ASN A 331 7.37 0.43 -8.75
N ILE A 332 6.81 1.09 -9.77
CA ILE A 332 5.70 0.53 -10.53
C ILE A 332 6.20 -0.71 -11.27
N GLN A 333 7.42 -0.67 -11.83
CA GLN A 333 8.00 -1.75 -12.58
C GLN A 333 8.27 -2.93 -11.64
N LYS A 334 8.78 -2.63 -10.45
CA LYS A 334 9.00 -3.65 -9.44
C LYS A 334 7.70 -4.36 -9.05
N GLU A 335 6.68 -3.56 -8.72
CA GLU A 335 5.43 -4.09 -8.18
C GLU A 335 4.64 -4.81 -9.25
N ALA A 336 4.78 -4.34 -10.51
CA ALA A 336 4.12 -4.98 -11.63
C ALA A 336 4.79 -6.32 -11.89
N THR A 337 6.11 -6.39 -11.72
CA THR A 337 6.85 -7.62 -11.95
C THR A 337 6.54 -8.61 -10.83
N TRP A 338 6.39 -8.11 -9.60
CA TRP A 338 5.98 -8.93 -8.47
C TRP A 338 4.58 -9.52 -8.72
N THR A 339 3.66 -8.68 -9.21
CA THR A 339 2.32 -9.11 -9.57
C THR A 339 2.38 -10.25 -10.61
N MET A 340 3.22 -10.09 -11.65
CA MET A 340 3.39 -11.08 -12.70
C MET A 340 3.88 -12.40 -12.12
N SER A 341 4.82 -12.33 -11.16
CA SER A 341 5.38 -13.51 -10.49
C SER A 341 4.28 -14.35 -9.82
N ASN A 342 3.26 -13.70 -9.25
CA ASN A 342 2.18 -14.39 -8.57
C ASN A 342 1.10 -14.82 -9.56
N ILE A 343 1.16 -14.36 -10.80
CA ILE A 343 0.30 -14.90 -11.83
C ILE A 343 1.00 -16.08 -12.52
N THR A 344 2.32 -16.05 -12.59
CA THR A 344 3.05 -17.15 -13.22
C THR A 344 3.09 -18.34 -12.25
N ALA A 345 2.74 -18.09 -10.97
CA ALA A 345 2.68 -19.13 -9.96
C ALA A 345 1.34 -19.86 -10.02
N GLY A 346 0.49 -19.47 -10.97
CA GLY A 346 -0.86 -20.00 -11.07
C GLY A 346 -0.98 -21.21 -11.99
N ARG A 347 -2.19 -21.41 -12.49
CA ARG A 347 -2.54 -22.56 -13.32
C ARG A 347 -1.93 -22.36 -14.71
N GLN A 348 -1.84 -23.46 -15.46
CA GLN A 348 -1.25 -23.45 -16.79
C GLN A 348 -2.08 -22.61 -17.75
N ASP A 349 -3.41 -22.57 -17.57
CA ASP A 349 -4.29 -21.76 -18.38
C ASP A 349 -4.07 -20.28 -18.09
N GLN A 350 -3.60 -19.96 -16.87
CA GLN A 350 -3.31 -18.61 -16.44
C GLN A 350 -1.96 -18.19 -17.01
N ILE A 351 -0.98 -19.11 -17.01
CA ILE A 351 0.28 -18.88 -17.70
C ILE A 351 0.02 -18.63 -19.19
N GLN A 352 -0.98 -19.29 -19.77
CA GLN A 352 -1.25 -19.16 -21.19
C GLN A 352 -1.76 -17.76 -21.51
N GLN A 353 -2.56 -17.19 -20.58
CA GLN A 353 -3.06 -15.84 -20.78
C GLN A 353 -1.91 -14.82 -20.72
N VAL A 354 -0.90 -15.08 -19.90
CA VAL A 354 0.29 -14.24 -19.88
C VAL A 354 0.94 -14.31 -21.27
N VAL A 355 1.09 -15.53 -21.79
CA VAL A 355 1.65 -15.75 -23.11
C VAL A 355 0.84 -15.02 -24.16
N ASN A 356 -0.49 -15.18 -24.13
CA ASN A 356 -1.34 -14.61 -25.17
C ASN A 356 -1.31 -13.08 -25.17
N HIS A 357 -1.10 -12.46 -24.00
CA HIS A 357 -1.12 -11.01 -23.87
C HIS A 357 0.24 -10.44 -24.27
N GLY A 358 1.19 -11.30 -24.64
CA GLY A 358 2.46 -10.88 -25.18
C GLY A 358 3.44 -10.47 -24.09
N LEU A 359 3.29 -11.02 -22.87
CA LEU A 359 3.99 -10.49 -21.71
C LEU A 359 5.30 -11.19 -21.43
N VAL A 360 5.59 -12.30 -22.14
CA VAL A 360 6.84 -12.99 -21.87
C VAL A 360 7.99 -12.12 -22.36
N PRO A 361 7.90 -11.53 -23.57
CA PRO A 361 8.94 -10.60 -24.03
C PRO A 361 9.18 -9.45 -23.08
N PHE A 362 8.13 -8.99 -22.36
CA PHE A 362 8.30 -7.93 -21.38
C PHE A 362 9.04 -8.43 -20.15
N LEU A 363 8.78 -9.70 -19.78
CA LEU A 363 9.52 -10.27 -18.67
C LEU A 363 10.97 -10.48 -19.05
N VAL A 364 11.24 -10.88 -20.31
CA VAL A 364 12.62 -10.97 -20.78
C VAL A 364 13.28 -9.58 -20.70
N GLY A 365 12.52 -8.56 -21.10
CA GLY A 365 12.98 -7.19 -21.03
C GLY A 365 13.43 -6.76 -19.65
N VAL A 366 12.59 -6.96 -18.63
CA VAL A 366 12.88 -6.57 -17.25
CA VAL A 366 12.89 -6.55 -17.25
C VAL A 366 14.06 -7.39 -16.70
N LEU A 367 14.09 -8.67 -17.05
CA LEU A 367 15.23 -9.49 -16.65
C LEU A 367 16.52 -8.94 -17.27
N SER A 368 16.44 -8.48 -18.52
CA SER A 368 17.60 -8.00 -19.25
C SER A 368 18.09 -6.66 -18.68
N LYS A 369 17.17 -5.74 -18.41
CA LYS A 369 17.57 -4.42 -17.94
C LYS A 369 16.44 -3.83 -17.08
N ALA A 370 16.76 -3.63 -15.81
CA ALA A 370 15.88 -2.99 -14.86
C ALA A 370 16.71 -2.75 -13.59
N ASP A 371 16.17 -2.01 -12.63
CA ASP A 371 16.73 -1.97 -11.29
C ASP A 371 16.82 -3.40 -10.76
N PHE A 372 17.87 -3.71 -9.98
CA PHE A 372 18.15 -5.05 -9.47
C PHE A 372 16.91 -5.68 -8.82
N LYS A 373 16.20 -4.91 -8.00
CA LYS A 373 15.07 -5.43 -7.26
C LYS A 373 13.98 -5.91 -8.23
N THR A 374 13.76 -5.17 -9.34
CA THR A 374 12.80 -5.57 -10.35
C THR A 374 13.29 -6.84 -11.02
N GLN A 375 14.61 -6.94 -11.25
CA GLN A 375 15.17 -8.11 -11.91
C GLN A 375 14.98 -9.37 -11.07
N LYS A 376 15.07 -9.21 -9.74
CA LYS A 376 14.87 -10.34 -8.84
C LYS A 376 13.40 -10.79 -8.88
N GLU A 377 12.46 -9.83 -8.89
CA GLU A 377 11.05 -10.19 -9.04
C GLU A 377 10.82 -10.91 -10.36
N ALA A 378 11.58 -10.54 -11.41
CA ALA A 378 11.42 -11.16 -12.71
C ALA A 378 11.97 -12.57 -12.71
N ALA A 379 13.08 -12.76 -12.03
CA ALA A 379 13.63 -14.09 -11.85
C ALA A 379 12.61 -15.01 -11.19
N TRP A 380 12.00 -14.51 -10.10
CA TRP A 380 10.92 -15.24 -9.44
C TRP A 380 9.80 -15.59 -10.42
N ALA A 381 9.41 -14.62 -11.27
CA ALA A 381 8.34 -14.83 -12.23
C ALA A 381 8.69 -15.94 -13.21
N ILE A 382 9.96 -16.04 -13.59
CA ILE A 382 10.45 -17.06 -14.51
C ILE A 382 10.49 -18.43 -13.81
N THR A 383 11.07 -18.47 -12.61
CA THR A 383 11.11 -19.72 -11.84
C THR A 383 9.69 -20.23 -11.60
N ASN A 384 8.74 -19.31 -11.31
CA ASN A 384 7.37 -19.74 -11.11
C ASN A 384 6.78 -20.27 -12.43
N TYR A 385 7.05 -19.56 -13.55
CA TYR A 385 6.52 -19.98 -14.85
C TYR A 385 7.06 -21.38 -15.19
N THR A 386 8.37 -21.57 -14.99
CA THR A 386 9.04 -22.81 -15.34
C THR A 386 8.59 -23.97 -14.45
N SER A 387 8.29 -23.67 -13.19
CA SER A 387 7.81 -24.64 -12.22
C SER A 387 6.42 -25.16 -12.57
N GLY A 388 5.49 -24.30 -13.01
CA GLY A 388 4.12 -24.70 -13.21
C GLY A 388 3.69 -24.83 -14.68
N GLY A 389 4.58 -24.45 -15.60
CA GLY A 389 4.21 -24.41 -17.02
C GLY A 389 4.29 -25.78 -17.74
N THR A 390 3.55 -25.90 -18.85
CA THR A 390 3.70 -26.99 -19.80
C THR A 390 5.03 -26.90 -20.51
N VAL A 391 5.39 -28.01 -21.19
CA VAL A 391 6.64 -28.08 -21.93
C VAL A 391 6.64 -27.05 -23.06
N GLU A 392 5.53 -26.95 -23.78
CA GLU A 392 5.35 -26.01 -24.87
C GLU A 392 5.53 -24.55 -24.39
N GLN A 393 5.06 -24.25 -23.17
CA GLN A 393 5.12 -22.91 -22.59
C GLN A 393 6.56 -22.59 -22.22
N ILE A 394 7.29 -23.59 -21.71
CA ILE A 394 8.69 -23.41 -21.34
C ILE A 394 9.55 -23.24 -22.59
N VAL A 395 9.19 -23.93 -23.66
CA VAL A 395 9.89 -23.82 -24.92
C VAL A 395 9.74 -22.39 -25.45
N TYR A 396 8.51 -21.84 -25.42
CA TYR A 396 8.19 -20.48 -25.82
C TYR A 396 9.10 -19.49 -25.11
N LEU A 397 9.34 -19.75 -23.82
CA LEU A 397 10.10 -18.85 -22.98
C LEU A 397 11.54 -18.78 -23.46
N VAL A 398 12.10 -19.95 -23.83
CA VAL A 398 13.46 -20.01 -24.35
C VAL A 398 13.51 -19.34 -25.74
N HIS A 399 12.51 -19.57 -26.58
CA HIS A 399 12.42 -18.96 -27.89
C HIS A 399 12.31 -17.43 -27.80
N CYS A 400 11.81 -16.89 -26.66
CA CYS A 400 11.70 -15.46 -26.48
C CYS A 400 13.00 -14.84 -25.97
N GLY A 401 13.98 -15.66 -25.57
CA GLY A 401 15.30 -15.14 -25.25
C GLY A 401 15.64 -15.10 -23.76
N ILE A 402 15.05 -16.01 -22.96
CA ILE A 402 15.24 -15.99 -21.50
C ILE A 402 16.66 -16.37 -21.06
N ILE A 403 17.35 -17.26 -21.81
CA ILE A 403 18.59 -17.86 -21.34
C ILE A 403 19.67 -16.81 -21.07
N GLU A 404 20.03 -15.99 -22.06
CA GLU A 404 21.13 -15.07 -21.86
C GLU A 404 20.88 -14.14 -20.65
N PRO A 405 19.73 -13.42 -20.56
CA PRO A 405 19.54 -12.54 -19.40
C PRO A 405 19.55 -13.30 -18.07
N LEU A 406 19.05 -14.55 -18.00
CA LEU A 406 19.11 -15.34 -16.77
C LEU A 406 20.56 -15.61 -16.37
N MET A 407 21.38 -16.00 -17.35
CA MET A 407 22.79 -16.30 -17.12
C MET A 407 23.55 -15.05 -16.69
N ASN A 408 23.23 -13.90 -17.32
CA ASN A 408 23.89 -12.65 -16.97
C ASN A 408 23.65 -12.28 -15.51
N LEU A 409 22.51 -12.72 -14.94
CA LEU A 409 22.16 -12.38 -13.56
C LEU A 409 22.83 -13.31 -12.55
N LEU A 410 23.41 -14.41 -13.03
CA LEU A 410 24.15 -15.32 -12.16
C LEU A 410 25.45 -14.69 -11.65
N SER A 411 25.80 -13.50 -12.15
CA SER A 411 26.96 -12.76 -11.69
C SER A 411 26.61 -11.87 -10.52
N ALA A 412 25.38 -12.00 -10.00
CA ALA A 412 24.88 -11.07 -9.01
C ALA A 412 25.39 -11.49 -7.64
N LYS A 413 25.49 -10.50 -6.74
CA LYS A 413 25.95 -10.70 -5.38
C LYS A 413 24.73 -10.81 -4.47
N ASP A 414 23.88 -11.79 -4.76
CA ASP A 414 22.68 -12.02 -3.99
C ASP A 414 22.42 -13.52 -4.07
N THR A 415 22.45 -14.19 -2.93
CA THR A 415 22.36 -15.63 -2.93
C THR A 415 20.98 -16.06 -3.42
N LYS A 416 19.93 -15.33 -2.99
CA LYS A 416 18.56 -15.74 -3.27
C LYS A 416 18.31 -15.76 -4.79
N ILE A 417 18.74 -14.72 -5.50
CA ILE A 417 18.48 -14.67 -6.92
C ILE A 417 19.21 -15.82 -7.63
N ILE A 418 20.45 -16.14 -7.18
CA ILE A 418 21.20 -17.23 -7.79
C ILE A 418 20.43 -18.54 -7.60
N GLN A 419 19.92 -18.75 -6.40
CA GLN A 419 19.12 -19.94 -6.11
C GLN A 419 17.92 -20.02 -7.03
N VAL A 420 17.21 -18.88 -7.17
CA VAL A 420 16.02 -18.78 -7.99
C VAL A 420 16.35 -19.11 -9.46
N ILE A 421 17.45 -18.54 -9.96
CA ILE A 421 17.80 -18.72 -11.37
C ILE A 421 18.22 -20.18 -11.60
N LEU A 422 19.02 -20.73 -10.68
CA LEU A 422 19.50 -22.10 -10.80
C LEU A 422 18.32 -23.06 -10.81
N ASP A 423 17.27 -22.78 -10.01
CA ASP A 423 16.05 -23.57 -9.96
CA ASP A 423 16.07 -23.59 -9.98
C ASP A 423 15.34 -23.51 -11.31
N ALA A 424 15.37 -22.32 -11.93
CA ALA A 424 14.66 -22.13 -13.19
C ALA A 424 15.38 -22.88 -14.33
N ILE A 425 16.72 -22.83 -14.34
CA ILE A 425 17.53 -23.56 -15.32
C ILE A 425 17.22 -25.05 -15.23
N SER A 426 17.13 -25.56 -13.99
CA SER A 426 16.84 -26.96 -13.75
C SER A 426 15.47 -27.30 -14.35
N ASN A 427 14.49 -26.40 -14.14
CA ASN A 427 13.15 -26.64 -14.63
C ASN A 427 13.10 -26.67 -16.15
N ILE A 428 13.89 -25.81 -16.78
CA ILE A 428 13.94 -25.74 -18.23
C ILE A 428 14.61 -27.01 -18.75
N PHE A 429 15.72 -27.41 -18.11
CA PHE A 429 16.42 -28.64 -18.47
C PHE A 429 15.48 -29.82 -18.36
N GLN A 430 14.61 -29.79 -17.35
CA GLN A 430 13.65 -30.85 -17.14
C GLN A 430 12.72 -30.98 -18.35
N ALA A 431 12.33 -29.85 -18.92
CA ALA A 431 11.46 -29.87 -20.08
C ALA A 431 12.24 -30.28 -21.35
N ALA A 432 13.53 -29.94 -21.38
CA ALA A 432 14.40 -30.34 -22.47
C ALA A 432 14.63 -31.85 -22.46
N GLU A 433 14.78 -32.42 -21.26
CA GLU A 433 14.90 -33.86 -21.08
C GLU A 433 13.69 -34.54 -21.72
N LYS A 434 12.50 -33.96 -21.55
CA LYS A 434 11.28 -34.56 -22.08
C LYS A 434 11.23 -34.43 -23.61
N LEU A 435 12.03 -33.54 -24.19
CA LEU A 435 12.05 -33.33 -25.64
C LEU A 435 13.35 -33.84 -26.26
N GLY A 436 14.29 -34.34 -25.43
CA GLY A 436 15.61 -34.76 -25.88
C GLY A 436 16.40 -33.62 -26.50
N GLU A 437 16.34 -32.44 -25.88
CA GLU A 437 16.99 -31.24 -26.40
C GLU A 437 17.96 -30.71 -25.34
N THR A 438 18.41 -31.59 -24.44
CA THR A 438 19.31 -31.19 -23.37
C THR A 438 20.58 -30.57 -23.93
N GLU A 439 21.11 -31.12 -25.03
CA GLU A 439 22.37 -30.65 -25.58
C GLU A 439 22.20 -29.24 -26.18
N LYS A 440 21.12 -29.02 -26.93
CA LYS A 440 20.86 -27.69 -27.49
C LYS A 440 20.83 -26.65 -26.38
N LEU A 441 20.18 -26.99 -25.26
CA LEU A 441 20.11 -26.06 -24.14
C LEU A 441 21.50 -25.88 -23.54
N SER A 442 22.24 -26.97 -23.42
CA SER A 442 23.58 -26.92 -22.86
C SER A 442 24.45 -25.98 -23.70
N ILE A 443 24.29 -26.04 -25.03
CA ILE A 443 25.09 -25.23 -25.95
C ILE A 443 24.72 -23.75 -25.79
N MET A 444 23.41 -23.47 -25.75
CA MET A 444 22.92 -22.11 -25.56
C MET A 444 23.57 -21.50 -24.33
N ILE A 445 23.56 -22.27 -23.23
CA ILE A 445 24.05 -21.77 -21.95
C ILE A 445 25.55 -21.51 -22.07
N GLU A 446 26.25 -22.41 -22.79
CA GLU A 446 27.69 -22.30 -22.97
C GLU A 446 28.04 -21.10 -23.85
N GLU A 447 27.27 -20.90 -24.94
CA GLU A 447 27.53 -19.85 -25.92
C GLU A 447 27.34 -18.44 -25.34
N CYS A 448 26.51 -18.27 -24.29
CA CYS A 448 26.22 -16.94 -23.77
C CYS A 448 27.05 -16.64 -22.51
N GLY A 449 27.91 -17.58 -22.10
CA GLY A 449 28.81 -17.35 -20.97
C GLY A 449 28.31 -17.99 -19.68
N GLY A 450 27.27 -18.84 -19.77
CA GLY A 450 26.61 -19.43 -18.62
C GLY A 450 27.44 -20.49 -17.92
N LEU A 451 27.94 -21.46 -18.70
CA LEU A 451 28.69 -22.58 -18.15
C LEU A 451 29.80 -22.08 -17.22
N ASP A 452 30.51 -21.03 -17.63
CA ASP A 452 31.56 -20.43 -16.82
C ASP A 452 31.04 -20.04 -15.43
N LYS A 453 29.86 -19.40 -15.40
CA LYS A 453 29.32 -18.87 -14.16
C LYS A 453 28.83 -20.01 -13.27
N ILE A 454 28.18 -21.01 -13.87
CA ILE A 454 27.67 -22.14 -13.11
C ILE A 454 28.84 -22.91 -12.50
N GLU A 455 29.95 -23.02 -13.25
CA GLU A 455 31.14 -23.73 -12.78
C GLU A 455 31.63 -23.05 -11.51
N ALA A 456 31.87 -21.73 -11.59
CA ALA A 456 32.32 -20.95 -10.45
C ALA A 456 31.45 -21.22 -9.23
N LEU A 457 30.14 -21.38 -9.47
CA LEU A 457 29.16 -21.51 -8.41
C LEU A 457 29.30 -22.84 -7.67
N GLN A 458 29.87 -23.87 -8.32
CA GLN A 458 30.15 -25.11 -7.58
C GLN A 458 31.04 -24.77 -6.40
N ARG A 459 31.82 -23.68 -6.50
CA ARG A 459 32.71 -23.21 -5.46
C ARG A 459 32.13 -21.96 -4.78
N HIS A 460 30.89 -22.05 -4.28
CA HIS A 460 30.21 -20.92 -3.66
C HIS A 460 29.88 -21.28 -2.21
N GLU A 461 29.92 -20.26 -1.33
CA GLU A 461 29.65 -20.41 0.09
C GLU A 461 28.35 -21.19 0.30
N ASN A 462 27.23 -20.66 -0.22
CA ASN A 462 25.93 -21.26 0.01
C ASN A 462 25.94 -22.71 -0.46
N GLU A 463 25.36 -23.60 0.35
CA GLU A 463 25.26 -25.01 0.01
C GLU A 463 24.31 -25.25 -1.16
N SER A 464 23.06 -24.73 -1.07
CA SER A 464 22.06 -24.90 -2.12
C SER A 464 22.64 -24.54 -3.49
N VAL A 465 23.41 -23.45 -3.53
CA VAL A 465 24.02 -22.97 -4.77
C VAL A 465 24.96 -24.05 -5.31
N TYR A 466 26.00 -24.41 -4.53
CA TYR A 466 27.05 -25.30 -5.03
C TYR A 466 26.43 -26.66 -5.35
N LYS A 467 25.42 -27.07 -4.56
CA LYS A 467 24.76 -28.35 -4.79
C LYS A 467 23.98 -28.32 -6.10
N ALA A 468 23.18 -27.26 -6.29
CA ALA A 468 22.38 -27.09 -7.51
C ALA A 468 23.31 -26.96 -8.72
N SER A 469 24.40 -26.18 -8.57
CA SER A 469 25.38 -25.97 -9.64
CA SER A 469 25.37 -25.98 -9.65
C SER A 469 26.07 -27.29 -10.00
N LEU A 470 26.61 -27.98 -8.98
CA LEU A 470 27.33 -29.23 -9.20
C LEU A 470 26.45 -30.21 -9.96
N ASN A 471 25.19 -30.36 -9.51
CA ASN A 471 24.24 -31.24 -10.16
C ASN A 471 24.09 -30.92 -11.65
N LEU A 472 23.92 -29.62 -12.01
CA LEU A 472 23.63 -29.24 -13.39
C LEU A 472 24.83 -29.58 -14.27
N ILE A 473 26.04 -29.21 -13.80
CA ILE A 473 27.25 -29.52 -14.54
C ILE A 473 27.39 -31.03 -14.71
N GLU A 474 27.18 -31.77 -13.60
CA GLU A 474 27.29 -33.22 -13.60
C GLU A 474 26.30 -33.84 -14.57
N LYS A 475 25.09 -33.28 -14.71
CA LYS A 475 24.07 -33.96 -15.51
C LYS A 475 24.06 -33.46 -16.95
N TYR A 476 24.62 -32.28 -17.24
CA TYR A 476 24.41 -31.68 -18.54
C TYR A 476 25.70 -31.14 -19.14
N PHE A 477 26.72 -30.95 -18.29
CA PHE A 477 27.98 -30.34 -18.73
C PHE A 477 29.16 -31.24 -18.34
N PRO B 1 3.24 -23.61 -8.41
CA PRO B 1 4.11 -23.12 -7.32
C PRO B 1 3.30 -22.32 -6.31
N VAL B 2 4.02 -21.68 -5.37
CA VAL B 2 3.40 -20.93 -4.28
C VAL B 2 3.66 -19.43 -4.50
N LYS B 3 2.62 -18.64 -4.21
CA LYS B 3 2.66 -17.17 -4.28
C LYS B 3 3.43 -16.65 -3.06
N LYS B 4 3.76 -15.33 -3.05
CA LYS B 4 4.57 -14.76 -1.99
C LYS B 4 4.27 -13.26 -1.81
N GLU B 5 4.09 -12.84 -0.54
CA GLU B 5 4.06 -11.43 -0.15
C GLU B 5 5.33 -11.09 0.63
N PRO C 1 -0.83 9.39 4.54
CA PRO C 1 0.58 9.19 4.90
C PRO C 1 0.78 8.89 6.38
N VAL C 2 -0.09 8.03 6.92
CA VAL C 2 -0.21 7.73 8.35
C VAL C 2 -0.83 8.96 9.05
N LYS C 3 -0.15 10.11 9.05
CA LYS C 3 -0.55 11.27 9.83
C LYS C 3 -0.34 12.54 9.01
N LYS C 4 -1.15 13.57 9.28
CA LYS C 4 -1.13 14.81 8.52
C LYS C 4 -1.31 15.99 9.46
N GLU C 5 -0.38 16.95 9.36
CA GLU C 5 -0.45 18.20 10.10
C GLU C 5 -1.37 19.12 9.28
N LYS C 6 -2.27 19.89 9.93
CA LYS C 6 -3.00 20.93 9.23
C LYS C 6 -2.25 22.26 9.35
N ILE C 7 -1.74 22.79 8.22
CA ILE C 7 -0.88 23.97 8.17
C ILE C 7 -1.66 25.28 7.99
N GLU C 8 -2.78 25.29 7.23
CA GLU C 8 -3.48 26.55 6.99
C GLU C 8 -4.91 26.35 6.50
N GLU C 9 -5.77 27.36 6.76
CA GLU C 9 -7.12 27.48 6.23
C GLU C 9 -7.78 28.74 6.80
#